data_8ZE7
#
_entry.id   8ZE7
#
_cell.length_a   61.926
_cell.length_b   86.214
_cell.length_c   88.428
_cell.angle_alpha   90.00
_cell.angle_beta   90.00
_cell.angle_gamma   90.00
#
_symmetry.space_group_name_H-M   'I 2 2 2'
#
loop_
_entity.id
_entity.type
_entity.pdbx_description
1 polymer Concanavalin-Br
2 non-polymer LYSINE
3 non-polymer GLYCEROL
4 non-polymer 'CALCIUM ION'
5 non-polymer 'MANGANESE (II) ION'
6 water water
#
_entity_poly.entity_id   1
_entity_poly.type   'polypeptide(L)'
_entity_poly.pdbx_seq_one_letter_code
;ADTIVAVELDTYPNTDIGDPSYPHIGIDIKSVRSKKTAKWNMQNGKVGTAHIIYNSVDKRLSAVVSYPNADSATVSYDVD
LDNVLPEWVRVGLSASTGLYKETNTILSWSFTSKLKSNSTHETNALHFMFNQFSKDQKDLILQGDATTGTDGNLELTRVS
SNGSPQGSSVGRALFYAPVHIWESSAVVASFEATFTFLIKSPDSHPADGIAFFISNIDSSIPSGSTGRLLGLFPDAN
;
_entity_poly.pdbx_strand_id   A
#
# COMPACT_ATOMS: atom_id res chain seq x y z
N ALA A 1 -0.32 10.51 -15.16
CA ALA A 1 0.71 11.53 -14.85
C ALA A 1 1.37 11.27 -13.50
N ASP A 2 0.66 10.69 -12.52
CA ASP A 2 1.26 10.35 -11.23
C ASP A 2 2.31 9.24 -11.45
N THR A 3 3.36 9.23 -10.63
CA THR A 3 4.30 8.11 -10.65
C THR A 3 4.02 7.25 -9.44
N ILE A 4 3.79 5.95 -9.66
CA ILE A 4 3.39 5.06 -8.58
C ILE A 4 4.35 3.88 -8.50
N VAL A 5 4.88 3.64 -7.30
CA VAL A 5 5.47 2.36 -6.93
C VAL A 5 4.60 1.78 -5.81
N ALA A 6 4.24 0.50 -5.93
CA ALA A 6 3.34 -0.10 -4.95
C ALA A 6 3.56 -1.59 -4.74
N VAL A 7 3.20 -2.03 -3.54
CA VAL A 7 3.03 -3.43 -3.25
C VAL A 7 1.55 -3.67 -3.02
N GLU A 8 1.01 -4.61 -3.79
CA GLU A 8 -0.43 -4.81 -3.82
C GLU A 8 -0.79 -6.12 -3.13
N LEU A 9 -1.81 -6.03 -2.30
CA LEU A 9 -2.51 -7.18 -1.78
C LEU A 9 -3.80 -7.26 -2.60
N ASP A 10 -3.73 -8.00 -3.73
CA ASP A 10 -4.78 -7.99 -4.73
C ASP A 10 -5.71 -9.15 -4.42
N THR A 11 -6.95 -8.87 -4.03
CA THR A 11 -7.81 -9.94 -3.52
C THR A 11 -8.65 -10.58 -4.63
N TYR A 12 -8.69 -9.96 -5.82
CA TYR A 12 -9.58 -10.39 -6.88
C TYR A 12 -8.81 -10.58 -8.19
N PRO A 13 -8.86 -11.79 -8.80
CA PRO A 13 -8.06 -12.08 -9.99
C PRO A 13 -8.71 -11.52 -11.23
N ASN A 14 -8.13 -10.43 -11.76
CA ASN A 14 -8.54 -9.89 -13.05
C ASN A 14 -7.56 -10.39 -14.10
N THR A 15 -7.86 -11.57 -14.67
CA THR A 15 -6.90 -12.31 -15.49
C THR A 15 -6.73 -11.65 -16.86
N ASP A 16 -7.68 -10.77 -17.22
CA ASP A 16 -7.61 -9.96 -18.42
C ASP A 16 -6.51 -8.89 -18.31
N ILE A 17 -6.14 -8.44 -17.10
CA ILE A 17 -5.04 -7.48 -16.97
C ILE A 17 -3.79 -8.11 -16.32
N GLY A 18 -3.64 -9.42 -16.49
CA GLY A 18 -2.39 -10.12 -16.17
C GLY A 18 -2.33 -10.68 -14.74
N ASP A 19 -3.40 -10.49 -13.96
CA ASP A 19 -3.47 -11.15 -12.66
C ASP A 19 -3.40 -12.65 -12.86
N PRO A 20 -2.72 -13.36 -11.94
CA PRO A 20 -2.87 -14.81 -11.82
C PRO A 20 -4.30 -15.14 -11.37
N SER A 21 -4.68 -16.42 -11.48
CA SER A 21 -6.09 -16.80 -11.19
C SER A 21 -6.30 -17.05 -9.69
N TYR A 22 -5.64 -16.27 -8.84
CA TYR A 22 -5.85 -16.41 -7.41
C TYR A 22 -5.52 -15.07 -6.75
N PRO A 23 -6.07 -14.78 -5.55
CA PRO A 23 -5.55 -13.71 -4.70
C PRO A 23 -4.02 -13.84 -4.66
N HIS A 24 -3.33 -12.69 -4.75
CA HIS A 24 -1.89 -12.68 -4.87
C HIS A 24 -1.34 -11.38 -4.26
N ILE A 25 -0.04 -11.37 -3.99
CA ILE A 25 0.63 -10.13 -3.68
C ILE A 25 1.49 -9.77 -4.89
N GLY A 26 1.65 -8.48 -5.16
CA GLY A 26 2.39 -8.07 -6.34
C GLY A 26 3.25 -6.84 -6.07
N ILE A 27 4.31 -6.70 -6.86
CA ILE A 27 5.07 -5.47 -6.89
C ILE A 27 4.75 -4.76 -8.20
N ASP A 28 4.24 -3.53 -8.08
CA ASP A 28 3.78 -2.71 -9.19
C ASP A 28 4.73 -1.52 -9.37
N ILE A 29 5.41 -1.48 -10.51
CA ILE A 29 6.23 -0.32 -10.87
C ILE A 29 5.55 0.40 -12.02
N LYS A 30 4.91 1.52 -11.69
CA LYS A 30 4.24 2.40 -12.63
C LYS A 30 3.20 1.65 -13.48
N SER A 31 2.77 0.44 -13.08
CA SER A 31 1.64 -0.20 -13.75
C SER A 31 0.99 -1.20 -12.81
N VAL A 32 -0.34 -1.34 -12.93
CA VAL A 32 -1.15 -2.25 -12.15
C VAL A 32 -0.83 -3.70 -12.56
N ARG A 33 -0.23 -3.87 -13.76
CA ARG A 33 0.26 -5.15 -14.24
C ARG A 33 1.60 -5.44 -13.56
N SER A 34 1.49 -6.10 -12.41
CA SER A 34 2.58 -6.38 -11.50
C SER A 34 3.78 -6.95 -12.24
N LYS A 35 4.99 -6.46 -11.92
CA LYS A 35 6.22 -6.99 -12.50
C LYS A 35 6.53 -8.38 -11.93
N LYS A 36 5.96 -8.65 -10.75
CA LYS A 36 6.18 -9.91 -10.04
C LYS A 36 5.01 -10.14 -9.08
N THR A 37 4.53 -11.39 -9.03
CA THR A 37 3.46 -11.78 -8.12
C THR A 37 3.79 -13.10 -7.43
N ALA A 38 3.05 -13.36 -6.35
CA ALA A 38 3.10 -14.62 -5.62
C ALA A 38 1.71 -14.89 -5.06
N LYS A 39 1.28 -16.15 -5.13
CA LYS A 39 0.00 -16.58 -4.60
C LYS A 39 -0.12 -16.13 -3.15
N TRP A 40 -1.34 -15.73 -2.77
CA TRP A 40 -1.63 -15.26 -1.43
C TRP A 40 -2.94 -15.91 -0.94
N ASN A 41 -2.85 -16.69 0.15
CA ASN A 41 -4.01 -17.36 0.68
C ASN A 41 -4.69 -16.40 1.67
N MET A 42 -5.33 -15.37 1.12
CA MET A 42 -6.02 -14.35 1.88
C MET A 42 -7.02 -15.02 2.82
N GLN A 43 -7.20 -14.45 4.02
CA GLN A 43 -8.13 -15.02 4.98
C GLN A 43 -9.22 -14.00 5.32
N ASN A 44 -10.39 -14.25 4.75
CA ASN A 44 -11.57 -13.45 4.98
C ASN A 44 -11.83 -13.29 6.48
N GLY A 45 -11.74 -12.06 6.97
CA GLY A 45 -12.08 -11.74 8.35
C GLY A 45 -10.91 -11.83 9.32
N LYS A 46 -9.72 -12.22 8.85
CA LYS A 46 -8.55 -12.26 9.73
C LYS A 46 -7.68 -11.03 9.56
N VAL A 47 -6.96 -10.71 10.63
CA VAL A 47 -6.04 -9.60 10.66
C VAL A 47 -4.73 -10.08 10.04
N GLY A 48 -4.42 -9.62 8.83
CA GLY A 48 -3.14 -9.92 8.21
C GLY A 48 -2.08 -8.87 8.58
N THR A 49 -0.81 -9.18 8.27
CA THR A 49 0.30 -8.25 8.44
C THR A 49 1.14 -8.24 7.15
N ALA A 50 1.41 -7.01 6.65
CA ALA A 50 2.26 -6.81 5.49
C ALA A 50 3.55 -6.11 5.90
N HIS A 51 4.67 -6.57 5.33
CA HIS A 51 5.98 -5.99 5.53
C HIS A 51 6.63 -5.71 4.19
N ILE A 52 7.13 -4.46 4.03
CA ILE A 52 7.77 -4.04 2.80
C ILE A 52 9.12 -3.43 3.16
N ILE A 53 10.13 -3.86 2.42
CA ILE A 53 11.50 -3.44 2.67
C ILE A 53 12.19 -3.15 1.34
N TYR A 54 13.15 -2.23 1.42
CA TYR A 54 13.98 -1.90 0.27
C TYR A 54 15.25 -1.19 0.74
N ASN A 55 16.34 -1.34 -0.03
CA ASN A 55 17.46 -0.44 0.15
C ASN A 55 18.16 -0.20 -1.17
N SER A 56 18.96 0.88 -1.15
CA SER A 56 19.59 1.45 -2.33
C SER A 56 20.82 0.65 -2.75
N VAL A 57 21.28 -0.27 -1.91
CA VAL A 57 22.45 -1.08 -2.22
C VAL A 57 22.00 -2.34 -2.94
N ASP A 58 20.98 -2.99 -2.41
CA ASP A 58 20.45 -4.18 -3.02
C ASP A 58 19.52 -3.85 -4.20
N LYS A 59 18.88 -2.66 -4.17
CA LYS A 59 17.89 -2.26 -5.16
C LYS A 59 16.92 -3.40 -5.41
N ARG A 60 16.31 -3.87 -4.32
CA ARG A 60 15.35 -4.97 -4.36
C ARG A 60 14.19 -4.63 -3.44
N LEU A 61 13.02 -4.47 -4.01
CA LEU A 61 11.85 -4.18 -3.21
C LEU A 61 11.22 -5.53 -2.90
N SER A 62 11.01 -5.81 -1.62
CA SER A 62 10.44 -7.08 -1.23
C SER A 62 9.28 -6.86 -0.26
N ALA A 63 8.37 -7.84 -0.25
CA ALA A 63 7.24 -7.85 0.66
C ALA A 63 6.92 -9.26 1.13
N VAL A 64 6.46 -9.33 2.38
CA VAL A 64 6.00 -10.55 3.01
C VAL A 64 4.67 -10.23 3.67
N VAL A 65 3.73 -11.15 3.51
CA VAL A 65 2.39 -10.98 4.05
C VAL A 65 2.04 -12.27 4.78
N SER A 66 1.56 -12.14 6.02
CA SER A 66 1.30 -13.30 6.85
C SER A 66 -0.01 -13.09 7.62
N TYR A 67 -0.52 -14.19 8.17
CA TYR A 67 -1.56 -14.18 9.16
C TYR A 67 -1.09 -15.11 10.27
N PRO A 68 -1.57 -14.95 11.52
CA PRO A 68 -1.31 -15.92 12.57
C PRO A 68 -1.66 -17.34 12.11
N ASN A 69 -0.76 -18.29 12.43
CA ASN A 69 -0.99 -19.73 12.32
C ASN A 69 -0.92 -20.17 10.86
N ALA A 70 -0.36 -19.33 9.98
CA ALA A 70 -0.33 -19.64 8.57
C ALA A 70 1.03 -19.33 7.98
N ASP A 71 1.38 -20.06 6.91
CA ASP A 71 2.59 -19.76 6.19
C ASP A 71 2.42 -18.38 5.59
N SER A 72 3.54 -17.75 5.26
CA SER A 72 3.51 -16.41 4.72
C SER A 72 3.66 -16.46 3.20
N ALA A 73 3.33 -15.37 2.51
CA ALA A 73 3.67 -15.21 1.12
C ALA A 73 4.70 -14.10 1.01
N THR A 74 5.58 -14.23 0.02
CA THR A 74 6.60 -13.22 -0.19
C THR A 74 6.77 -13.01 -1.69
N VAL A 75 7.12 -11.77 -2.07
CA VAL A 75 7.43 -11.44 -3.44
C VAL A 75 8.54 -10.39 -3.43
N SER A 76 9.42 -10.44 -4.45
CA SER A 76 10.50 -9.48 -4.61
C SER A 76 10.70 -9.08 -6.07
N TYR A 77 11.20 -7.86 -6.26
CA TYR A 77 11.57 -7.41 -7.59
C TYR A 77 12.82 -6.52 -7.53
N ASP A 78 13.80 -6.83 -8.38
CA ASP A 78 14.97 -5.98 -8.57
C ASP A 78 14.54 -4.75 -9.34
N VAL A 79 14.67 -3.59 -8.66
CA VAL A 79 14.40 -2.30 -9.26
C VAL A 79 15.14 -1.22 -8.48
N ASP A 80 15.81 -0.35 -9.24
CA ASP A 80 16.38 0.86 -8.69
C ASP A 80 15.32 1.96 -8.61
N LEU A 81 14.82 2.22 -7.40
CA LEU A 81 13.72 3.16 -7.18
C LEU A 81 14.18 4.60 -7.43
N ASP A 82 15.49 4.84 -7.42
CA ASP A 82 15.97 6.17 -7.79
C ASP A 82 15.79 6.47 -9.28
N ASN A 83 15.56 5.44 -10.11
CA ASN A 83 15.32 5.64 -11.53
C ASN A 83 13.82 5.65 -11.83
N VAL A 84 12.97 5.44 -10.82
CA VAL A 84 11.53 5.41 -11.01
C VAL A 84 10.90 6.64 -10.34
N LEU A 85 11.17 6.82 -9.05
CA LEU A 85 10.47 7.83 -8.25
C LEU A 85 11.28 9.10 -8.22
N PRO A 86 10.65 10.25 -7.95
CA PRO A 86 11.42 11.45 -7.67
C PRO A 86 12.15 11.37 -6.33
N GLU A 87 13.01 12.36 -6.12
CA GLU A 87 13.87 12.46 -4.95
C GLU A 87 13.04 12.64 -3.66
N TRP A 88 11.92 13.36 -3.78
CA TRP A 88 10.95 13.50 -2.69
C TRP A 88 9.67 12.81 -3.10
N VAL A 89 9.00 12.16 -2.15
CA VAL A 89 7.82 11.38 -2.40
C VAL A 89 6.88 11.50 -1.21
N ARG A 90 5.68 10.96 -1.38
CA ARG A 90 4.84 10.66 -0.23
C ARG A 90 4.62 9.16 -0.24
N VAL A 91 4.30 8.61 0.93
CA VAL A 91 4.01 7.20 1.05
C VAL A 91 2.60 7.07 1.61
N GLY A 92 1.90 6.01 1.23
CA GLY A 92 0.50 5.90 1.60
C GLY A 92 -0.03 4.48 1.50
N LEU A 93 -1.30 4.34 1.89
CA LEU A 93 -2.07 3.12 1.69
C LEU A 93 -3.27 3.47 0.81
N SER A 94 -3.63 2.56 -0.10
CA SER A 94 -4.74 2.75 -1.01
C SER A 94 -5.54 1.46 -1.00
N ALA A 95 -6.82 1.54 -1.38
CA ALA A 95 -7.66 0.35 -1.43
C ALA A 95 -8.91 0.66 -2.24
N SER A 96 -9.54 -0.37 -2.81
CA SER A 96 -10.70 -0.15 -3.64
C SER A 96 -11.65 -1.33 -3.56
N THR A 97 -12.91 -1.04 -3.90
CA THR A 97 -13.92 -2.03 -4.19
C THR A 97 -14.54 -1.66 -5.52
N GLY A 98 -15.19 -2.65 -6.15
CA GLY A 98 -15.79 -2.53 -7.47
C GLY A 98 -17.23 -3.02 -7.41
N LEU A 99 -17.61 -3.87 -8.38
CA LEU A 99 -18.84 -4.63 -8.25
C LEU A 99 -18.69 -5.75 -7.22
N TYR A 100 -17.46 -6.20 -6.94
CA TYR A 100 -17.21 -7.05 -5.77
C TYR A 100 -16.59 -6.21 -4.65
N LYS A 101 -16.69 -6.67 -3.39
CA LYS A 101 -16.33 -5.76 -2.32
C LYS A 101 -15.80 -6.46 -1.08
N GLU A 102 -15.25 -5.64 -0.18
CA GLU A 102 -14.64 -6.06 1.07
C GLU A 102 -14.41 -4.80 1.92
N THR A 103 -14.28 -4.99 3.22
CA THR A 103 -13.73 -3.96 4.10
C THR A 103 -12.23 -3.82 3.79
N ASN A 104 -11.71 -2.60 3.80
CA ASN A 104 -10.28 -2.42 3.63
C ASN A 104 -9.77 -1.70 4.85
N THR A 105 -9.77 -2.41 5.98
CA THR A 105 -9.53 -1.81 7.28
C THR A 105 -8.05 -1.95 7.64
N ILE A 106 -7.47 -0.83 8.06
CA ILE A 106 -6.08 -0.74 8.49
C ILE A 106 -6.10 -0.53 10.00
N LEU A 107 -5.50 -1.46 10.77
CA LEU A 107 -5.48 -1.39 12.22
C LEU A 107 -4.20 -0.72 12.71
N SER A 108 -3.15 -0.79 11.90
CA SER A 108 -1.88 -0.17 12.23
C SER A 108 -1.05 0.03 10.97
N TRP A 109 -0.17 1.04 11.04
CA TRP A 109 0.69 1.38 9.93
C TRP A 109 1.94 2.07 10.48
N SER A 110 3.11 1.58 10.06
CA SER A 110 4.38 2.17 10.45
C SER A 110 5.33 2.15 9.25
N PHE A 111 6.29 3.07 9.30
CA PHE A 111 7.16 3.34 8.17
C PHE A 111 8.46 3.93 8.72
N THR A 112 9.57 3.58 8.12
CA THR A 112 10.86 4.15 8.45
C THR A 112 11.62 4.37 7.15
N SER A 113 12.21 5.56 7.04
CA SER A 113 13.06 5.94 5.94
C SER A 113 14.37 6.45 6.52
N LYS A 114 15.50 6.05 5.93
CA LYS A 114 16.83 6.45 6.39
C LYS A 114 17.71 6.77 5.19
N LEU A 115 18.34 7.94 5.24
CA LEU A 115 19.37 8.35 4.30
C LEU A 115 20.66 8.52 5.09
N LYS A 116 21.69 7.74 4.76
CA LYS A 116 22.96 7.80 5.45
C LYS A 116 24.04 8.27 4.47
N SER A 117 24.71 9.36 4.83
CA SER A 117 25.69 10.02 3.99
C SER A 117 27.08 9.49 4.33
N ASN A 118 28.07 10.02 3.62
CA ASN A 118 29.47 9.69 3.83
C ASN A 118 30.02 10.61 4.91
N SER A 119 29.20 11.56 5.36
CA SER A 119 29.53 12.34 6.54
C SER A 119 29.55 11.44 7.77
N THR A 120 30.50 11.71 8.67
CA THR A 120 30.63 10.93 9.89
C THR A 120 29.42 11.24 10.79
N HIS A 121 28.69 10.16 11.16
CA HIS A 121 27.53 10.20 12.03
C HIS A 121 26.43 11.05 11.41
N GLU A 122 26.08 10.79 10.14
CA GLU A 122 25.10 11.60 9.47
C GLU A 122 24.04 10.75 8.76
N THR A 123 23.10 10.32 9.58
CA THR A 123 21.85 9.72 9.16
C THR A 123 20.75 10.78 9.16
N ASN A 124 19.96 10.81 8.09
CA ASN A 124 18.64 11.41 8.10
C ASN A 124 17.60 10.29 8.09
N ALA A 125 16.49 10.54 8.79
CA ALA A 125 15.52 9.51 9.12
C ALA A 125 14.15 10.11 9.38
N LEU A 126 13.12 9.40 8.90
CA LEU A 126 11.74 9.59 9.28
C LEU A 126 11.18 8.24 9.69
N HIS A 127 10.39 8.27 10.75
CA HIS A 127 9.69 7.10 11.21
C HIS A 127 8.36 7.57 11.80
N PHE A 128 7.29 6.92 11.38
CA PHE A 128 6.03 7.11 12.07
C PHE A 128 5.42 5.75 12.39
N MET A 129 4.54 5.74 13.39
CA MET A 129 3.80 4.56 13.77
C MET A 129 2.37 4.92 14.22
N PHE A 130 1.39 4.32 13.52
CA PHE A 130 -0.01 4.47 13.87
C PHE A 130 -0.52 3.12 14.34
N ASN A 131 -0.87 3.03 15.63
CA ASN A 131 -1.58 1.88 16.15
C ASN A 131 -3.03 2.22 16.40
N GLN A 132 -3.31 3.51 16.59
CA GLN A 132 -4.64 4.02 16.87
C GLN A 132 -4.88 5.27 16.03
N PHE A 133 -5.80 5.18 15.08
CA PHE A 133 -6.18 6.29 14.24
C PHE A 133 -7.36 7.02 14.88
N SER A 134 -7.35 8.35 14.75
CA SER A 134 -8.33 9.20 15.42
C SER A 134 -9.13 9.98 14.39
N LYS A 135 -10.33 10.43 14.81
CA LYS A 135 -11.25 11.23 14.01
C LYS A 135 -10.50 12.27 13.19
N ASP A 136 -9.69 13.09 13.85
CA ASP A 136 -9.06 14.21 13.17
C ASP A 136 -7.55 13.98 13.13
N GLN A 137 -7.13 13.13 12.19
CA GLN A 137 -5.73 12.73 12.02
C GLN A 137 -4.98 13.72 11.12
N LYS A 138 -4.37 14.73 11.73
CA LYS A 138 -3.76 15.81 10.95
C LYS A 138 -2.41 15.43 10.35
N ASP A 139 -1.84 14.28 10.69
CA ASP A 139 -0.57 13.90 10.08
C ASP A 139 -0.84 12.91 8.94
N LEU A 140 -2.13 12.75 8.56
CA LEU A 140 -2.55 11.99 7.39
C LEU A 140 -3.36 12.88 6.44
N ILE A 141 -3.09 12.69 5.14
CA ILE A 141 -3.97 13.13 4.07
C ILE A 141 -4.89 11.98 3.65
N LEU A 142 -6.20 12.16 3.84
CA LEU A 142 -7.21 11.18 3.46
C LEU A 142 -7.75 11.61 2.11
N GLN A 143 -7.91 10.68 1.18
CA GLN A 143 -8.46 10.96 -0.14
C GLN A 143 -9.56 9.96 -0.44
N GLY A 144 -10.49 10.34 -1.33
CA GLY A 144 -11.65 9.52 -1.64
C GLY A 144 -12.50 9.24 -0.40
N ASP A 145 -12.81 7.96 -0.17
CA ASP A 145 -13.73 7.55 0.88
C ASP A 145 -13.01 7.21 2.20
N ALA A 146 -11.68 7.37 2.24
CA ALA A 146 -10.91 6.94 3.41
C ALA A 146 -11.39 7.72 4.62
N THR A 147 -11.69 7.04 5.74
CA THR A 147 -12.00 7.72 6.98
C THR A 147 -11.12 7.19 8.11
N THR A 148 -10.94 7.99 9.17
CA THR A 148 -10.28 7.54 10.38
C THR A 148 -11.22 7.68 11.58
N GLY A 149 -10.94 6.93 12.65
CA GLY A 149 -11.56 7.15 13.95
C GLY A 149 -12.63 6.12 14.30
N THR A 150 -13.16 5.41 13.29
CA THR A 150 -14.08 4.30 13.53
C THR A 150 -13.28 3.17 14.18
N ASP A 151 -13.59 2.85 15.45
CA ASP A 151 -12.91 1.81 16.20
C ASP A 151 -11.40 2.01 16.28
N GLY A 152 -10.91 3.25 16.20
CA GLY A 152 -9.48 3.55 16.14
C GLY A 152 -8.79 3.06 14.86
N ASN A 153 -9.59 2.83 13.80
CA ASN A 153 -9.05 2.23 12.60
C ASN A 153 -9.07 3.24 11.46
N LEU A 154 -8.30 2.92 10.42
CA LEU A 154 -8.36 3.63 9.16
C LEU A 154 -9.14 2.76 8.17
N GLU A 155 -10.34 3.23 7.75
CA GLU A 155 -11.17 2.54 6.76
C GLU A 155 -10.89 3.15 5.39
N LEU A 156 -10.14 2.42 4.57
CA LEU A 156 -9.72 2.94 3.28
C LEU A 156 -10.94 3.06 2.38
N THR A 157 -11.87 2.12 2.50
CA THR A 157 -13.07 2.17 1.67
C THR A 157 -14.33 2.19 2.55
N ARG A 158 -15.44 2.56 1.92
CA ARG A 158 -16.69 2.84 2.59
C ARG A 158 -17.25 1.58 3.27
N VAL A 159 -17.76 1.76 4.48
CA VAL A 159 -18.39 0.72 5.26
C VAL A 159 -19.59 1.34 5.96
N SER A 160 -20.75 0.68 5.91
CA SER A 160 -21.95 1.15 6.59
C SER A 160 -21.77 1.07 8.10
N SER A 161 -22.66 1.77 8.83
CA SER A 161 -22.77 1.69 10.28
C SER A 161 -22.73 0.24 10.76
N ASN A 162 -23.60 -0.59 10.16
CA ASN A 162 -23.76 -1.97 10.58
C ASN A 162 -22.46 -2.72 10.39
N GLY A 163 -21.62 -2.27 9.43
CA GLY A 163 -20.26 -2.77 9.26
C GLY A 163 -20.01 -3.50 7.94
N SER A 164 -20.95 -3.42 6.99
CA SER A 164 -20.75 -4.11 5.72
C SER A 164 -20.13 -3.17 4.69
N PRO A 165 -19.21 -3.70 3.87
CA PRO A 165 -18.48 -2.86 2.91
C PRO A 165 -19.34 -2.54 1.71
N GLN A 166 -19.07 -1.35 1.15
CA GLN A 166 -19.73 -0.82 -0.02
C GLN A 166 -18.87 -1.06 -1.25
N GLY A 167 -19.55 -1.35 -2.37
CA GLY A 167 -18.89 -1.52 -3.66
C GLY A 167 -18.55 -0.16 -4.27
N SER A 168 -17.76 -0.16 -5.34
CA SER A 168 -17.41 1.06 -6.06
C SER A 168 -16.88 2.14 -5.12
N SER A 169 -15.98 1.76 -4.21
CA SER A 169 -15.39 2.69 -3.26
C SER A 169 -13.89 2.73 -3.52
N VAL A 170 -13.28 3.85 -3.17
CA VAL A 170 -11.86 4.01 -3.30
C VAL A 170 -11.44 5.05 -2.27
N GLY A 171 -10.32 4.77 -1.59
CA GLY A 171 -9.76 5.72 -0.63
C GLY A 171 -8.28 5.46 -0.39
N ARG A 172 -7.59 6.50 0.09
CA ARG A 172 -6.16 6.43 0.36
C ARG A 172 -5.86 7.30 1.59
N ALA A 173 -4.76 6.97 2.29
CA ALA A 173 -4.20 7.83 3.31
C ALA A 173 -2.72 7.96 3.01
N LEU A 174 -2.22 9.20 2.97
CA LEU A 174 -0.79 9.44 2.77
C LEU A 174 -0.24 10.15 4.00
N PHE A 175 1.01 9.83 4.37
CA PHE A 175 1.61 10.51 5.49
C PHE A 175 1.83 11.97 5.08
N TYR A 176 1.57 12.87 6.03
CA TYR A 176 1.54 14.29 5.75
C TYR A 176 2.89 14.78 5.24
N ALA A 177 3.96 14.39 5.92
CA ALA A 177 5.30 14.83 5.57
C ALA A 177 5.79 14.12 4.31
N PRO A 178 6.32 14.88 3.32
CA PRO A 178 7.16 14.31 2.27
C PRO A 178 8.34 13.55 2.85
N VAL A 179 8.76 12.51 2.11
CA VAL A 179 9.83 11.62 2.51
C VAL A 179 10.95 11.77 1.49
N HIS A 180 12.20 11.75 1.98
CA HIS A 180 13.37 11.95 1.14
C HIS A 180 14.01 10.58 0.96
N ILE A 181 14.02 10.10 -0.27
CA ILE A 181 14.44 8.74 -0.53
C ILE A 181 15.78 8.76 -1.26
N TRP A 182 16.29 9.94 -1.63
CA TRP A 182 17.63 10.06 -2.20
C TRP A 182 18.23 11.42 -1.85
N GLU A 183 19.54 11.45 -1.60
CA GLU A 183 20.32 12.69 -1.51
C GLU A 183 21.71 12.47 -2.11
N SER A 184 22.27 13.52 -2.71
CA SER A 184 23.48 13.44 -3.50
C SER A 184 24.62 12.74 -2.75
N SER A 185 24.74 12.94 -1.43
CA SER A 185 25.84 12.36 -0.67
C SER A 185 25.45 11.06 0.05
N ALA A 186 24.31 10.44 -0.33
CA ALA A 186 23.83 9.22 0.29
C ALA A 186 24.71 8.06 -0.12
N VAL A 187 25.06 7.18 0.83
CA VAL A 187 25.77 5.95 0.50
C VAL A 187 24.85 4.75 0.72
N VAL A 188 23.86 4.87 1.59
CA VAL A 188 22.79 3.90 1.59
C VAL A 188 21.51 4.59 2.04
N ALA A 189 20.44 4.24 1.32
CA ALA A 189 19.09 4.70 1.57
C ALA A 189 18.22 3.47 1.66
N SER A 190 17.35 3.43 2.66
CA SER A 190 16.50 2.29 2.93
C SER A 190 15.15 2.80 3.42
N PHE A 191 14.12 2.01 3.21
CA PHE A 191 12.83 2.26 3.83
C PHE A 191 12.25 0.92 4.22
N GLU A 192 11.33 0.95 5.16
CA GLU A 192 10.49 -0.20 5.41
C GLU A 192 9.11 0.28 5.83
N ALA A 193 8.11 -0.51 5.48
CA ALA A 193 6.76 -0.27 5.94
C ALA A 193 6.13 -1.53 6.51
N THR A 194 5.24 -1.36 7.49
CA THR A 194 4.41 -2.45 8.00
C THR A 194 2.99 -1.94 8.18
N PHE A 195 2.02 -2.76 7.80
CA PHE A 195 0.65 -2.46 8.15
C PHE A 195 -0.07 -3.75 8.51
N THR A 196 -1.07 -3.61 9.40
CA THR A 196 -1.98 -4.69 9.70
C THR A 196 -3.33 -4.25 9.17
N PHE A 197 -4.10 -5.24 8.70
CA PHE A 197 -5.24 -5.03 7.84
C PHE A 197 -6.26 -6.14 8.13
N LEU A 198 -7.53 -5.79 8.00
CA LEU A 198 -8.63 -6.73 8.16
C LEU A 198 -9.54 -6.59 6.94
N ILE A 199 -9.41 -7.56 6.02
CA ILE A 199 -10.25 -7.66 4.85
C ILE A 199 -11.33 -8.69 5.16
N LYS A 200 -12.57 -8.19 5.17
CA LYS A 200 -13.75 -9.01 5.43
C LYS A 200 -14.80 -8.69 4.37
N SER A 201 -15.36 -9.75 3.81
CA SER A 201 -16.40 -9.62 2.81
C SER A 201 -17.53 -10.57 3.19
N PRO A 202 -18.80 -10.16 3.00
CA PRO A 202 -19.91 -11.09 3.07
C PRO A 202 -19.93 -12.05 1.88
N ASP A 203 -19.08 -11.80 0.86
CA ASP A 203 -19.09 -12.57 -0.38
C ASP A 203 -17.94 -13.57 -0.44
N SER A 204 -18.14 -14.61 -1.27
CA SER A 204 -17.14 -15.63 -1.58
C SER A 204 -16.00 -15.06 -2.42
N HIS A 205 -16.31 -13.97 -3.15
CA HIS A 205 -15.35 -13.34 -4.03
C HIS A 205 -15.14 -11.91 -3.54
N PRO A 206 -14.15 -11.65 -2.65
CA PRO A 206 -13.86 -10.29 -2.24
C PRO A 206 -13.05 -9.55 -3.31
N ALA A 207 -13.09 -8.23 -3.23
CA ALA A 207 -12.39 -7.37 -4.16
C ALA A 207 -12.28 -5.99 -3.51
N ASP A 208 -11.26 -5.20 -3.86
CA ASP A 208 -10.29 -5.51 -4.91
C ASP A 208 -8.89 -5.69 -4.35
N GLY A 209 -8.61 -5.08 -3.18
CA GLY A 209 -7.28 -5.17 -2.59
C GLY A 209 -6.89 -3.89 -1.85
N ILE A 210 -5.73 -3.98 -1.21
CA ILE A 210 -5.05 -2.92 -0.50
C ILE A 210 -3.64 -2.82 -1.06
N ALA A 211 -3.08 -1.62 -1.14
CA ALA A 211 -1.72 -1.44 -1.59
C ALA A 211 -1.05 -0.41 -0.68
N PHE A 212 0.23 -0.66 -0.37
CA PHE A 212 1.14 0.37 0.12
C PHE A 212 1.78 0.99 -1.11
N PHE A 213 1.87 2.31 -1.11
CA PHE A 213 2.47 2.93 -2.27
C PHE A 213 3.37 4.10 -1.87
N ILE A 214 4.19 4.41 -2.87
CA ILE A 214 5.06 5.57 -2.88
C ILE A 214 4.78 6.27 -4.20
N SER A 215 4.55 7.59 -4.11
CA SER A 215 4.17 8.40 -5.24
C SER A 215 4.91 9.71 -5.17
N ASN A 216 4.79 10.49 -6.26
CA ASN A 216 5.03 11.93 -6.21
C ASN A 216 4.17 12.52 -5.08
N ILE A 217 4.63 13.66 -4.52
CA ILE A 217 4.08 14.22 -3.29
C ILE A 217 2.66 14.73 -3.51
N ASP A 218 2.33 15.08 -4.76
CA ASP A 218 1.07 15.73 -5.08
C ASP A 218 0.06 14.70 -5.58
N SER A 219 0.37 13.40 -5.42
CA SER A 219 -0.43 12.32 -5.97
C SER A 219 -1.88 12.41 -5.48
N SER A 220 -2.83 12.11 -6.37
CA SER A 220 -4.23 11.99 -5.98
C SER A 220 -4.84 10.78 -6.66
N ILE A 221 -6.03 10.38 -6.16
CA ILE A 221 -6.73 9.24 -6.70
C ILE A 221 -7.01 9.54 -8.17
N PRO A 222 -6.48 8.74 -9.11
CA PRO A 222 -6.82 8.90 -10.53
C PRO A 222 -8.29 8.58 -10.75
N SER A 223 -8.90 9.28 -11.73
CA SER A 223 -10.27 9.04 -12.15
C SER A 223 -10.48 7.59 -12.54
N GLY A 224 -11.61 7.03 -12.10
CA GLY A 224 -12.03 5.70 -12.53
C GLY A 224 -11.11 4.61 -11.99
N SER A 225 -10.46 4.88 -10.86
CA SER A 225 -9.50 3.97 -10.29
C SER A 225 -10.14 3.19 -9.15
N THR A 226 -11.47 3.05 -9.20
CA THR A 226 -12.13 2.06 -8.37
C THR A 226 -11.80 0.65 -8.90
N GLY A 227 -12.22 -0.34 -8.12
CA GLY A 227 -12.12 -1.73 -8.50
C GLY A 227 -10.68 -2.17 -8.72
N ARG A 228 -10.42 -2.69 -9.93
CA ARG A 228 -9.24 -3.45 -10.24
C ARG A 228 -7.99 -2.58 -10.22
N LEU A 229 -8.18 -1.26 -10.29
CA LEU A 229 -7.07 -0.32 -10.44
C LEU A 229 -6.59 0.21 -9.09
N LEU A 230 -7.25 -0.15 -7.97
CA LEU A 230 -6.69 -0.14 -6.62
C LEU A 230 -6.48 1.27 -6.06
N GLY A 231 -7.06 2.26 -6.74
CA GLY A 231 -6.93 3.65 -6.39
C GLY A 231 -5.56 4.21 -6.75
N LEU A 232 -4.82 3.49 -7.60
CA LEU A 232 -3.42 3.83 -7.86
C LEU A 232 -3.24 4.31 -9.30
N PHE A 233 -3.98 3.71 -10.24
CA PHE A 233 -3.70 3.91 -11.64
C PHE A 233 -4.93 4.41 -12.40
N PRO A 234 -4.71 5.29 -13.42
CA PRO A 234 -5.78 5.77 -14.29
C PRO A 234 -6.26 4.69 -15.26
N ASP A 235 -5.43 3.66 -15.49
CA ASP A 235 -5.79 2.60 -16.42
C ASP A 235 -4.98 1.33 -16.16
N ALA A 236 -5.19 0.32 -17.02
CA ALA A 236 -4.60 -1.00 -16.87
C ALA A 236 -3.38 -1.22 -17.77
N ASN A 237 -2.79 -0.14 -18.31
CA ASN A 237 -1.59 -0.26 -19.11
C ASN A 237 -0.44 -0.83 -18.27
#